data_5V16
#
_entry.id   5V16
#
_entity_poly.entity_id   1
_entity_poly.type   'polyribonucleotide'
_entity_poly.pdbx_seq_one_letter_code
;GGAUCAAUAGCAGGUGUGGCACACCAGUCAUACCUUGAUCC
;
_entity_poly.pdbx_strand_id   A
#